data_7BWC
#
_entry.id   7BWC
#
_cell.length_a   96.522
_cell.length_b   118.459
_cell.length_c   101.285
_cell.angle_alpha   90.000
_cell.angle_beta   90.000
_cell.angle_gamma   90.000
#
_symmetry.space_group_name_H-M   'C 2 2 21'
#
loop_
_entity.id
_entity.type
_entity.pdbx_description
1 polymer Beta-fructofuranosidase
2 branched beta-D-fructofuranose-(2-1)-alpha-D-glucopyranose
3 water water
#
_entity_poly.entity_id   1
_entity_poly.type   'polypeptide(L)'
_entity_poly.pdbx_seq_one_letter_code
;MGSSHHHHHHSSGLVPRGSHMLRQQNETAKRELEEYIADKKAEINPRYRPHYHISPPVGWMNAPNGFSYYKGKFHLFYQF
YPYDSVWGPMHWGHVSSSNLIDWEHLPTALIPETEMCFSGGAVVHGDDLVLLYTGRVTTDTDPFYNETQYLAFSNDGVNF
RKYEGNPVLSYVPDNSADFRDPKIWKFKDHWYVVIGSSSNKQGRVLLYRSGDLFNWEFLSVLGESDGDMGYMWECPDLFE
LGGKTIFLWSPQGLEPKGDRYKNTYQTGYYIGELDYETFEFKTDKYFQELDYGHDFYATQTIQGDGKTYLIGWFNMWEVP
HLEEEDGWAGTTTLVRELQLIGTRITMNPLEGIQDLRTDSVHNGDLEPQQAIEFGPTAEIILQGCLDQKIELLIQGKEGG
LVTTVTWDPEVGKVIVNRSGEVRQVEWVPIGKTSWRLFLDASSLELFCGEGEVVFSSRIFSDGDWVVKNSSPQTLSVEAY
RLRRSVPA
;
_entity_poly.pdbx_strand_id   A
#
loop_
_chem_comp.id
_chem_comp.type
_chem_comp.name
_chem_comp.formula
FRU D-saccharide, beta linking beta-D-fructofuranose 'C6 H12 O6'
GLC D-saccharide, alpha linking alpha-D-glucopyranose 'C6 H12 O6'
#
# COMPACT_ATOMS: atom_id res chain seq x y z
N GLN A 25 6.64 23.97 16.23
CA GLN A 25 7.01 22.57 16.61
C GLN A 25 7.81 22.56 17.91
N ASN A 26 7.78 21.44 18.64
CA ASN A 26 8.57 21.23 19.88
C ASN A 26 9.98 20.79 19.46
N GLU A 27 10.94 21.73 19.47
CA GLU A 27 12.34 21.49 19.01
C GLU A 27 12.94 20.35 19.83
N THR A 28 12.77 20.36 21.16
CA THR A 28 13.24 19.30 22.09
C THR A 28 12.74 17.93 21.61
N ALA A 29 11.42 17.75 21.50
CA ALA A 29 10.76 16.48 21.09
C ALA A 29 11.32 16.00 19.75
N LYS A 30 11.47 16.91 18.79
CA LYS A 30 12.01 16.61 17.44
C LYS A 30 13.46 16.14 17.55
N ARG A 31 14.37 16.99 18.03
CA ARG A 31 15.83 16.69 18.08
C ARG A 31 16.04 15.34 18.76
N GLU A 32 15.31 15.07 19.86
CA GLU A 32 15.42 13.82 20.66
C GLU A 32 15.05 12.61 19.79
N LEU A 33 14.05 12.75 18.91
CA LEU A 33 13.59 11.67 18.00
C LEU A 33 14.61 11.49 16.87
N GLU A 34 15.03 12.57 16.21
CA GLU A 34 16.08 12.55 15.15
C GLU A 34 17.32 11.81 15.66
N GLU A 35 17.71 12.02 16.92
CA GLU A 35 18.93 11.39 17.50
C GLU A 35 18.62 9.96 17.98
N TYR A 36 17.38 9.65 18.40
CA TYR A 36 16.98 8.26 18.75
C TYR A 36 17.09 7.39 17.49
N ILE A 37 16.59 7.91 16.36
CA ILE A 37 16.61 7.23 15.02
C ILE A 37 18.07 7.03 14.59
N ALA A 38 18.85 8.12 14.53
CA ALA A 38 20.25 8.12 14.04
C ALA A 38 21.10 7.11 14.84
N ASP A 39 20.74 6.85 16.10
CA ASP A 39 21.48 5.94 17.03
C ASP A 39 20.95 4.51 16.94
N LYS A 40 19.62 4.34 16.93
CA LYS A 40 18.93 3.02 16.89
C LYS A 40 19.24 2.33 15.56
N LYS A 41 19.60 3.12 14.53
CA LYS A 41 19.88 2.70 13.14
C LYS A 41 20.93 1.59 13.07
N ALA A 42 21.91 1.60 13.97
CA ALA A 42 23.07 0.67 13.98
C ALA A 42 22.62 -0.73 14.44
N GLU A 43 21.52 -0.83 15.19
CA GLU A 43 20.99 -2.11 15.74
C GLU A 43 20.06 -2.80 14.74
N ILE A 44 19.82 -2.20 13.56
CA ILE A 44 18.89 -2.75 12.52
C ILE A 44 19.64 -3.83 11.72
N ASN A 45 19.33 -5.10 11.97
CA ASN A 45 19.78 -6.24 11.14
C ASN A 45 19.37 -5.97 9.69
N PRO A 46 20.33 -5.90 8.73
CA PRO A 46 20.00 -5.62 7.34
C PRO A 46 19.45 -6.80 6.53
N ARG A 47 19.45 -8.01 7.09
CA ARG A 47 19.22 -9.25 6.33
C ARG A 47 17.94 -9.14 5.49
N TYR A 48 16.83 -8.64 6.05
CA TYR A 48 15.49 -8.58 5.39
C TYR A 48 15.16 -7.17 4.91
N ARG A 49 16.04 -6.19 5.14
CA ARG A 49 15.78 -4.77 4.77
C ARG A 49 15.69 -4.66 3.25
N PRO A 50 14.66 -3.96 2.73
CA PRO A 50 14.48 -3.84 1.28
C PRO A 50 15.52 -2.94 0.62
N HIS A 51 15.94 -3.30 -0.60
CA HIS A 51 16.89 -2.51 -1.44
C HIS A 51 16.13 -1.42 -2.21
N TYR A 52 14.92 -1.69 -2.70
CA TYR A 52 14.17 -0.80 -3.62
C TYR A 52 12.70 -0.63 -3.23
N HIS A 53 12.35 -0.94 -1.97
CA HIS A 53 11.04 -0.61 -1.35
C HIS A 53 11.26 0.33 -0.16
N ILE A 54 10.38 1.31 0.03
CA ILE A 54 10.42 2.30 1.15
C ILE A 54 10.22 1.54 2.47
N SER A 55 11.20 1.64 3.37
CA SER A 55 11.14 1.06 4.75
C SER A 55 11.35 2.19 5.76
N PRO A 56 10.83 2.05 7.00
CA PRO A 56 11.09 3.05 8.04
C PRO A 56 12.59 3.01 8.35
N PRO A 57 13.23 4.14 8.71
CA PRO A 57 14.65 4.12 9.05
C PRO A 57 14.88 3.13 10.21
N VAL A 58 13.96 3.12 11.19
CA VAL A 58 13.92 2.18 12.34
C VAL A 58 12.46 2.01 12.74
N GLY A 59 12.13 0.99 13.54
CA GLY A 59 10.79 0.82 14.13
C GLY A 59 9.73 0.40 13.11
N TRP A 60 8.47 0.75 13.39
CA TRP A 60 7.26 0.19 12.73
C TRP A 60 6.70 1.17 11.71
N MET A 61 6.32 0.67 10.53
CA MET A 61 5.56 1.39 9.48
C MET A 61 4.26 0.61 9.22
N ASN A 62 3.12 1.30 9.15
CA ASN A 62 1.88 0.77 8.54
C ASN A 62 1.41 1.78 7.46
N ALA A 63 0.11 2.04 7.35
CA ALA A 63 -0.58 2.66 6.19
C ALA A 63 0.23 3.83 5.62
N PRO A 64 0.42 3.91 4.27
CA PRO A 64 0.98 5.10 3.65
C PRO A 64 -0.03 6.25 3.71
N ASN A 65 0.46 7.50 3.79
CA ASN A 65 -0.33 8.72 4.07
C ASN A 65 0.09 9.86 3.14
N GLY A 66 -0.87 10.69 2.74
CA GLY A 66 -0.63 12.04 2.16
C GLY A 66 0.26 11.99 0.93
N PHE A 67 0.08 10.97 0.08
CA PHE A 67 0.72 10.87 -1.26
C PHE A 67 0.45 12.20 -1.96
N SER A 68 1.49 12.96 -2.31
CA SER A 68 1.34 14.32 -2.86
C SER A 68 2.50 14.65 -3.80
N TYR A 69 2.31 15.70 -4.60
CA TYR A 69 3.34 16.29 -5.49
C TYR A 69 3.49 17.77 -5.12
N TYR A 70 4.68 18.15 -4.64
CA TYR A 70 4.98 19.47 -4.06
C TYR A 70 6.43 19.85 -4.38
N LYS A 71 6.61 21.00 -5.05
CA LYS A 71 7.93 21.59 -5.38
C LYS A 71 8.82 20.55 -6.07
N GLY A 72 8.38 20.03 -7.22
CA GLY A 72 9.19 19.22 -8.15
C GLY A 72 9.49 17.81 -7.63
N LYS A 73 8.79 17.36 -6.59
CA LYS A 73 9.04 16.06 -5.93
C LYS A 73 7.71 15.45 -5.48
N PHE A 74 7.55 14.14 -5.70
CA PHE A 74 6.49 13.32 -5.06
C PHE A 74 6.85 13.21 -3.58
N HIS A 75 5.90 13.51 -2.70
CA HIS A 75 6.03 13.32 -1.22
C HIS A 75 5.12 12.16 -0.81
N LEU A 76 5.62 11.30 0.08
CA LEU A 76 4.83 10.22 0.74
C LEU A 76 5.16 10.19 2.23
N PHE A 77 4.12 10.07 3.05
CA PHE A 77 4.20 9.91 4.52
C PHE A 77 3.72 8.50 4.86
N TYR A 78 3.76 8.12 6.13
CA TYR A 78 3.30 6.78 6.58
C TYR A 78 3.14 6.74 8.11
N GLN A 79 2.16 5.97 8.53
CA GLN A 79 1.91 5.59 9.94
C GLN A 79 3.20 4.97 10.50
N PHE A 80 3.77 5.61 11.52
CA PHE A 80 5.16 5.38 11.98
C PHE A 80 5.19 5.36 13.51
N TYR A 81 5.71 4.27 14.10
CA TYR A 81 6.12 4.17 15.52
C TYR A 81 7.62 3.94 15.57
N PRO A 82 8.42 5.00 15.81
CA PRO A 82 9.88 4.90 15.81
C PRO A 82 10.52 3.93 16.81
N TYR A 83 9.87 3.71 17.97
CA TYR A 83 10.51 3.21 19.22
C TYR A 83 10.51 1.68 19.27
N ASP A 84 9.81 1.00 18.36
CA ASP A 84 9.72 -0.48 18.38
C ASP A 84 9.17 -0.97 17.03
N SER A 85 9.37 -2.25 16.75
CA SER A 85 8.95 -2.93 15.51
C SER A 85 7.49 -3.42 15.62
N VAL A 86 6.69 -2.82 16.52
CA VAL A 86 5.23 -3.06 16.63
C VAL A 86 4.52 -1.70 16.64
N TRP A 87 3.21 -1.72 16.46
CA TRP A 87 2.35 -0.50 16.44
C TRP A 87 2.48 0.20 17.80
N GLY A 88 2.33 1.52 17.79
CA GLY A 88 2.32 2.35 19.00
C GLY A 88 1.87 3.77 18.67
N PRO A 89 1.93 4.68 19.66
CA PRO A 89 1.61 6.09 19.45
C PRO A 89 2.03 6.60 18.07
N MET A 90 1.06 6.97 17.24
CA MET A 90 1.25 7.11 15.77
C MET A 90 1.90 8.45 15.42
N HIS A 91 3.03 8.38 14.71
CA HIS A 91 3.72 9.51 14.04
C HIS A 91 3.47 9.42 12.54
N TRP A 92 3.81 10.48 11.80
CA TRP A 92 3.93 10.48 10.32
C TRP A 92 5.41 10.48 9.93
N GLY A 93 5.90 9.35 9.41
CA GLY A 93 7.16 9.25 8.67
C GLY A 93 7.04 10.00 7.35
N HIS A 94 8.15 10.26 6.66
CA HIS A 94 8.21 11.19 5.52
C HIS A 94 9.35 10.83 4.56
N VAL A 95 9.05 10.68 3.26
CA VAL A 95 10.03 10.42 2.18
C VAL A 95 9.61 11.23 0.94
N SER A 96 10.53 11.40 -0.02
CA SER A 96 10.30 12.17 -1.27
C SER A 96 11.09 11.54 -2.41
N SER A 97 10.69 11.79 -3.65
CA SER A 97 11.25 11.17 -4.88
C SER A 97 10.99 12.06 -6.10
N SER A 98 11.91 12.02 -7.07
CA SER A 98 11.78 12.61 -8.43
C SER A 98 11.06 11.63 -9.36
N ASN A 99 11.31 10.32 -9.20
CA ASN A 99 11.00 9.28 -10.22
C ASN A 99 10.05 8.21 -9.68
N LEU A 100 9.63 8.31 -8.41
CA LEU A 100 8.77 7.33 -7.67
C LEU A 100 9.48 5.98 -7.50
N ILE A 101 10.81 5.94 -7.70
CA ILE A 101 11.64 4.71 -7.60
C ILE A 101 12.65 4.90 -6.45
N ASP A 102 13.43 5.98 -6.49
CA ASP A 102 14.42 6.32 -5.43
C ASP A 102 13.75 7.24 -4.42
N TRP A 103 13.92 6.95 -3.12
CA TRP A 103 13.28 7.68 -1.99
C TRP A 103 14.34 8.04 -0.94
N GLU A 104 14.33 9.28 -0.47
CA GLU A 104 15.17 9.75 0.68
C GLU A 104 14.27 9.90 1.90
N HIS A 105 14.76 9.51 3.08
CA HIS A 105 14.13 9.82 4.38
C HIS A 105 14.25 11.34 4.62
N LEU A 106 13.21 11.94 5.18
CA LEU A 106 13.18 13.32 5.71
C LEU A 106 12.86 13.19 7.19
N PRO A 107 12.97 14.28 7.99
CA PRO A 107 12.58 14.22 9.40
C PRO A 107 11.10 13.82 9.55
N THR A 108 10.80 13.07 10.61
CA THR A 108 9.42 12.75 11.06
C THR A 108 8.55 14.00 10.91
N ALA A 109 7.52 13.95 10.05
CA ALA A 109 6.67 15.09 9.68
C ALA A 109 5.74 15.47 10.85
N LEU A 110 5.18 14.48 11.55
CA LEU A 110 4.21 14.70 12.65
C LEU A 110 4.60 13.83 13.86
N ILE A 111 4.74 14.45 15.03
CA ILE A 111 4.93 13.76 16.34
C ILE A 111 3.61 13.89 17.10
N PRO A 112 3.09 12.81 17.72
CA PRO A 112 1.85 12.90 18.50
C PRO A 112 1.99 13.81 19.74
N GLU A 113 0.88 14.45 20.12
CA GLU A 113 0.74 15.26 21.35
C GLU A 113 -0.45 14.71 22.13
N THR A 114 -1.52 15.48 22.32
CA THR A 114 -2.80 15.00 22.92
C THR A 114 -3.44 14.00 21.96
N GLU A 115 -3.21 14.16 20.65
CA GLU A 115 -3.74 13.27 19.59
C GLU A 115 -2.64 12.36 19.05
N MET A 116 -2.98 11.09 18.78
CA MET A 116 -2.18 10.19 17.90
C MET A 116 -2.37 10.70 16.46
N CYS A 117 -1.29 10.76 15.67
CA CYS A 117 -1.34 11.25 14.26
C CYS A 117 -1.69 10.08 13.33
N PHE A 118 -3.00 9.76 13.26
CA PHE A 118 -3.59 8.68 12.43
C PHE A 118 -3.57 9.11 10.96
N SER A 119 -3.99 8.23 10.06
CA SER A 119 -3.80 8.35 8.59
C SER A 119 -4.49 9.61 8.06
N GLY A 120 -4.12 10.00 6.84
CA GLY A 120 -4.81 11.07 6.12
C GLY A 120 -4.11 11.40 4.81
N GLY A 121 -4.50 12.54 4.23
CA GLY A 121 -4.05 12.99 2.90
C GLY A 121 -3.24 14.27 2.99
N ALA A 122 -2.81 14.75 1.84
CA ALA A 122 -1.99 15.95 1.65
C ALA A 122 -2.35 16.58 0.30
N VAL A 123 -2.42 17.91 0.25
CA VAL A 123 -2.70 18.68 -0.99
C VAL A 123 -1.87 19.98 -0.95
N VAL A 124 -1.41 20.44 -2.11
CA VAL A 124 -0.72 21.74 -2.28
C VAL A 124 -1.80 22.82 -2.33
N HIS A 125 -1.72 23.81 -1.44
CA HIS A 125 -2.55 25.04 -1.51
C HIS A 125 -1.72 26.11 -2.20
N GLY A 126 -1.13 27.05 -1.47
CA GLY A 126 -0.32 28.13 -2.06
C GLY A 126 1.10 27.68 -2.25
N ASP A 127 2.01 28.31 -1.51
CA ASP A 127 3.43 27.88 -1.35
C ASP A 127 3.48 26.67 -0.39
N ASP A 128 2.31 26.20 0.07
CA ASP A 128 2.17 25.28 1.23
C ASP A 128 1.81 23.86 0.75
N LEU A 129 2.43 22.85 1.38
CA LEU A 129 1.94 21.45 1.43
C LEU A 129 1.09 21.30 2.69
N VAL A 130 -0.20 21.00 2.53
CA VAL A 130 -1.18 20.90 3.65
C VAL A 130 -1.48 19.43 3.92
N LEU A 131 -1.28 18.96 5.16
CA LEU A 131 -1.70 17.61 5.62
C LEU A 131 -3.05 17.74 6.33
N LEU A 132 -4.04 16.95 5.90
CA LEU A 132 -5.30 16.71 6.66
C LEU A 132 -5.23 15.28 7.21
N TYR A 133 -5.08 15.15 8.54
CA TYR A 133 -4.85 13.84 9.20
C TYR A 133 -5.84 13.69 10.35
N THR A 134 -6.20 12.45 10.68
CA THR A 134 -7.06 12.14 11.85
C THR A 134 -6.22 12.26 13.12
N GLY A 135 -6.69 13.08 14.07
CA GLY A 135 -6.21 13.08 15.47
C GLY A 135 -7.13 12.21 16.36
N ARG A 136 -6.55 11.03 16.79
CA ARG A 136 -7.21 10.15 17.78
C ARG A 136 -6.77 10.59 19.18
N VAL A 137 -7.73 10.87 20.06
CA VAL A 137 -7.51 11.19 21.49
C VAL A 137 -8.27 10.16 22.33
N THR A 138 -7.71 9.81 23.49
CA THR A 138 -8.34 8.91 24.50
C THR A 138 -9.56 9.61 25.10
N THR A 139 -10.56 8.83 25.52
CA THR A 139 -11.71 9.27 26.35
C THR A 139 -11.95 8.21 27.43
N ASP A 140 -12.92 8.45 28.32
CA ASP A 140 -13.27 7.54 29.44
C ASP A 140 -14.72 7.07 29.27
N THR A 141 -15.07 6.65 28.04
CA THR A 141 -16.41 6.16 27.64
C THR A 141 -16.23 4.97 26.69
N ASP A 142 -17.17 4.02 26.66
CA ASP A 142 -17.06 2.66 26.06
C ASP A 142 -16.03 2.61 24.92
N PRO A 143 -16.14 3.41 23.85
CA PRO A 143 -15.14 3.41 22.78
C PRO A 143 -13.71 3.68 23.30
N PHE A 144 -13.57 4.59 24.27
CA PHE A 144 -12.31 5.01 24.95
C PHE A 144 -11.37 5.73 23.97
N TYR A 145 -11.94 6.27 22.88
CA TYR A 145 -11.22 7.10 21.88
C TYR A 145 -12.24 7.91 21.08
N ASN A 146 -11.78 9.00 20.49
CA ASN A 146 -12.57 9.89 19.59
C ASN A 146 -11.67 10.31 18.44
N GLU A 147 -12.25 10.52 17.25
CA GLU A 147 -11.49 10.79 16.01
C GLU A 147 -12.06 12.06 15.35
N THR A 148 -11.14 12.95 14.95
CA THR A 148 -11.43 14.24 14.30
C THR A 148 -10.28 14.48 13.29
N GLN A 149 -10.45 15.53 12.45
CA GLN A 149 -9.50 15.84 11.36
C GLN A 149 -8.70 17.09 11.71
N TYR A 150 -7.37 16.93 11.78
CA TYR A 150 -6.38 17.98 12.13
C TYR A 150 -5.69 18.45 10.85
N LEU A 151 -5.30 19.72 10.83
CA LEU A 151 -4.51 20.35 9.73
C LEU A 151 -3.07 20.55 10.22
N ALA A 152 -2.12 20.36 9.32
CA ALA A 152 -0.70 20.79 9.47
C ALA A 152 -0.26 21.42 8.15
N PHE A 153 0.66 22.37 8.21
CA PHE A 153 1.11 23.18 7.05
C PHE A 153 2.64 23.17 7.01
N SER A 154 3.20 23.28 5.80
CA SER A 154 4.65 23.45 5.52
C SER A 154 4.82 24.28 4.24
N ASN A 155 5.81 25.17 4.22
CA ASN A 155 6.20 25.96 3.02
C ASN A 155 7.55 25.48 2.49
N ASP A 156 8.30 24.69 3.28
CA ASP A 156 9.67 24.19 2.97
C ASP A 156 9.63 22.69 2.59
N GLY A 157 8.51 22.00 2.83
CA GLY A 157 8.35 20.56 2.57
C GLY A 157 9.22 19.69 3.47
N VAL A 158 9.54 20.17 4.68
CA VAL A 158 10.38 19.47 5.70
C VAL A 158 9.73 19.62 7.07
N ASN A 159 9.51 20.86 7.53
CA ASN A 159 8.90 21.17 8.85
C ASN A 159 7.40 21.36 8.69
N PHE A 160 6.62 20.77 9.60
CA PHE A 160 5.14 20.80 9.59
C PHE A 160 4.67 21.30 10.96
N ARG A 161 3.79 22.31 10.96
CA ARG A 161 3.18 22.88 12.18
C ARG A 161 1.66 22.65 12.10
N LYS A 162 1.10 22.15 13.19
CA LYS A 162 -0.34 21.83 13.37
C LYS A 162 -1.12 23.12 13.58
N TYR A 163 -2.31 23.23 12.99
CA TYR A 163 -3.19 24.42 13.08
C TYR A 163 -3.68 24.58 14.53
N GLU A 164 -3.49 25.79 15.07
CA GLU A 164 -3.87 26.20 16.45
C GLU A 164 -5.28 25.70 16.76
N GLY A 165 -6.22 25.86 15.82
CA GLY A 165 -7.66 25.58 16.01
C GLY A 165 -8.05 24.16 15.62
N ASN A 166 -7.13 23.20 15.69
CA ASN A 166 -7.43 21.75 15.47
C ASN A 166 -8.35 21.27 16.58
N PRO A 167 -9.36 20.41 16.28
CA PRO A 167 -9.61 19.91 14.93
C PRO A 167 -10.48 20.85 14.09
N VAL A 168 -10.28 20.88 12.77
CA VAL A 168 -11.04 21.73 11.80
C VAL A 168 -12.34 21.05 11.40
N LEU A 169 -12.47 19.73 11.63
CA LEU A 169 -13.69 18.94 11.30
C LEU A 169 -13.91 17.89 12.40
N SER A 170 -15.05 17.96 13.08
CA SER A 170 -15.41 17.12 14.24
C SER A 170 -16.74 16.42 14.03
N TYR A 171 -17.67 17.03 13.26
CA TYR A 171 -19.04 16.48 13.06
C TYR A 171 -18.95 15.21 12.22
N VAL A 172 -19.50 14.12 12.76
CA VAL A 172 -19.64 12.81 12.07
C VAL A 172 -21.06 12.29 12.32
N PRO A 173 -21.80 11.85 11.27
CA PRO A 173 -23.14 11.31 11.46
C PRO A 173 -23.19 10.17 12.50
N ASP A 174 -24.24 10.18 13.33
CA ASP A 174 -24.54 9.19 14.38
C ASP A 174 -23.45 9.25 15.48
N ASN A 175 -22.66 10.33 15.50
CA ASN A 175 -21.65 10.64 16.55
C ASN A 175 -20.70 9.46 16.73
N SER A 176 -20.43 8.70 15.65
CA SER A 176 -19.56 7.51 15.64
C SER A 176 -18.15 7.91 16.06
N ALA A 177 -17.52 7.12 16.94
CA ALA A 177 -16.13 7.32 17.41
C ALA A 177 -15.15 7.08 16.25
N ASP A 178 -15.50 6.23 15.30
CA ASP A 178 -14.71 5.95 14.07
C ASP A 178 -14.95 7.06 13.05
N PHE A 179 -13.90 7.77 12.65
CA PHE A 179 -13.96 8.95 11.75
C PHE A 179 -12.53 9.28 11.30
N ARG A 180 -11.96 8.42 10.45
CA ARG A 180 -10.50 8.48 10.16
C ARG A 180 -10.17 8.26 8.68
N ASP A 181 -8.93 8.60 8.35
CA ASP A 181 -8.21 8.32 7.08
C ASP A 181 -8.81 9.19 5.98
N PRO A 182 -8.83 10.53 6.16
CA PRO A 182 -9.32 11.43 5.11
C PRO A 182 -8.43 11.33 3.85
N LYS A 183 -9.05 11.25 2.68
CA LYS A 183 -8.39 11.38 1.36
C LYS A 183 -8.98 12.62 0.71
N ILE A 184 -8.16 13.67 0.60
CA ILE A 184 -8.55 15.03 0.13
C ILE A 184 -8.09 15.22 -1.32
N TRP A 185 -8.93 15.85 -2.14
CA TRP A 185 -8.57 16.28 -3.52
C TRP A 185 -9.34 17.56 -3.87
N LYS A 186 -8.90 18.23 -4.92
CA LYS A 186 -9.48 19.51 -5.43
C LYS A 186 -10.31 19.17 -6.67
N PHE A 187 -11.58 19.59 -6.69
CA PHE A 187 -12.44 19.56 -7.90
C PHE A 187 -13.21 20.87 -8.02
N LYS A 188 -13.03 21.59 -9.13
CA LYS A 188 -13.56 22.95 -9.37
C LYS A 188 -13.10 23.85 -8.20
N ASP A 189 -14.04 24.43 -7.45
CA ASP A 189 -13.77 25.50 -6.45
C ASP A 189 -13.87 24.95 -5.03
N HIS A 190 -13.79 23.63 -4.85
CA HIS A 190 -13.89 22.97 -3.52
C HIS A 190 -12.85 21.88 -3.36
N TRP A 191 -12.30 21.75 -2.17
CA TRP A 191 -11.63 20.51 -1.68
C TRP A 191 -12.71 19.55 -1.24
N TYR A 192 -12.62 18.29 -1.68
CA TYR A 192 -13.47 17.16 -1.23
C TYR A 192 -12.60 16.22 -0.40
N VAL A 193 -13.23 15.53 0.54
CA VAL A 193 -12.56 14.50 1.38
C VAL A 193 -13.54 13.33 1.54
N VAL A 194 -13.05 12.11 1.34
CA VAL A 194 -13.76 10.86 1.76
C VAL A 194 -13.12 10.43 3.08
N ILE A 195 -13.92 10.03 4.06
CA ILE A 195 -13.43 9.65 5.42
C ILE A 195 -14.16 8.37 5.86
N GLY A 196 -13.40 7.46 6.46
CA GLY A 196 -13.87 6.16 6.95
C GLY A 196 -14.58 6.29 8.28
N SER A 197 -15.69 5.58 8.45
CA SER A 197 -16.50 5.58 9.68
C SER A 197 -17.21 4.23 9.84
N SER A 198 -17.92 4.07 10.95
CA SER A 198 -18.81 2.93 11.27
C SER A 198 -20.12 3.48 11.85
N SER A 199 -21.11 2.61 12.01
CA SER A 199 -22.43 2.93 12.59
C SER A 199 -23.24 1.65 12.69
N ASN A 200 -23.71 1.31 13.89
CA ASN A 200 -24.43 0.05 14.16
C ASN A 200 -23.59 -1.11 13.62
N LYS A 201 -22.27 -1.06 13.84
CA LYS A 201 -21.27 -2.10 13.47
C LYS A 201 -21.23 -2.33 11.95
N GLN A 202 -21.52 -1.29 11.16
CA GLN A 202 -21.47 -1.32 9.68
C GLN A 202 -20.42 -0.32 9.20
N GLY A 203 -19.49 -0.78 8.37
CA GLY A 203 -18.53 0.10 7.69
C GLY A 203 -19.25 1.08 6.80
N ARG A 204 -18.74 2.30 6.70
CA ARG A 204 -19.28 3.33 5.78
C ARG A 204 -18.19 4.33 5.46
N VAL A 205 -18.42 5.14 4.42
CA VAL A 205 -17.52 6.25 4.02
C VAL A 205 -18.37 7.49 3.80
N LEU A 206 -17.83 8.63 4.25
CA LEU A 206 -18.53 9.92 4.34
C LEU A 206 -17.83 10.89 3.40
N LEU A 207 -18.61 11.65 2.62
CA LEU A 207 -18.10 12.70 1.72
C LEU A 207 -18.40 14.07 2.34
N TYR A 208 -17.36 14.89 2.52
CA TYR A 208 -17.43 16.29 2.99
C TYR A 208 -16.75 17.18 1.94
N ARG A 209 -16.97 18.49 1.99
CA ARG A 209 -16.22 19.47 1.16
C ARG A 209 -16.09 20.81 1.87
N SER A 210 -15.09 21.60 1.45
CA SER A 210 -14.67 22.89 2.07
C SER A 210 -14.28 23.87 0.96
N GLY A 211 -14.57 25.15 1.15
CA GLY A 211 -14.13 26.25 0.27
C GLY A 211 -12.74 26.76 0.64
N ASP A 212 -12.21 26.36 1.81
CA ASP A 212 -11.04 27.02 2.45
C ASP A 212 -10.16 26.06 3.27
N LEU A 213 -10.48 24.75 3.35
CA LEU A 213 -9.71 23.70 4.08
C LEU A 213 -9.95 23.75 5.60
N PHE A 214 -10.61 24.79 6.12
CA PHE A 214 -10.84 25.02 7.57
C PHE A 214 -12.29 24.66 7.97
N ASN A 215 -13.26 24.96 7.11
CA ASN A 215 -14.71 24.75 7.40
C ASN A 215 -15.26 23.65 6.47
N TRP A 216 -15.78 22.57 7.06
CA TRP A 216 -16.14 21.33 6.33
C TRP A 216 -17.65 21.09 6.44
N GLU A 217 -18.29 20.99 5.27
CA GLU A 217 -19.73 20.75 5.05
C GLU A 217 -19.91 19.27 4.71
N PHE A 218 -20.58 18.52 5.58
CA PHE A 218 -21.00 17.12 5.32
C PHE A 218 -21.86 17.09 4.06
N LEU A 219 -21.66 16.11 3.17
CA LEU A 219 -22.44 15.97 1.92
C LEU A 219 -23.30 14.69 1.96
N SER A 220 -22.71 13.52 2.21
CA SER A 220 -23.43 12.23 2.13
C SER A 220 -22.66 11.06 2.75
N VAL A 221 -23.40 10.03 3.16
CA VAL A 221 -22.89 8.65 3.39
C VAL A 221 -22.74 8.03 2.00
N LEU A 222 -21.52 8.00 1.46
CA LEU A 222 -21.22 7.65 0.05
C LEU A 222 -21.53 6.17 -0.19
N GLY A 223 -21.25 5.34 0.81
CA GLY A 223 -21.59 3.91 0.83
C GLY A 223 -21.56 3.38 2.25
N GLU A 224 -22.22 2.25 2.46
CA GLU A 224 -22.34 1.60 3.79
C GLU A 224 -22.46 0.09 3.59
N SER A 225 -21.84 -0.70 4.45
CA SER A 225 -22.01 -2.17 4.51
C SER A 225 -23.48 -2.48 4.82
N ASP A 226 -24.10 -3.36 4.05
CA ASP A 226 -25.49 -3.81 4.32
CA ASP A 226 -25.47 -3.89 4.25
C ASP A 226 -25.45 -4.95 5.35
N GLY A 227 -24.24 -5.36 5.78
CA GLY A 227 -23.99 -6.45 6.74
C GLY A 227 -22.83 -7.35 6.32
N ASP A 228 -22.64 -7.55 5.00
CA ASP A 228 -21.66 -8.51 4.43
C ASP A 228 -20.34 -7.83 4.11
N MET A 229 -20.25 -6.50 4.18
CA MET A 229 -19.04 -5.74 3.76
C MET A 229 -18.31 -5.14 4.96
N GLY A 230 -18.48 -5.73 6.16
CA GLY A 230 -17.63 -5.46 7.33
C GLY A 230 -18.14 -4.34 8.22
N TYR A 231 -17.44 -4.10 9.35
CA TYR A 231 -17.86 -3.21 10.46
C TYR A 231 -17.12 -1.87 10.44
N MET A 232 -16.02 -1.76 9.69
CA MET A 232 -15.21 -0.52 9.61
C MET A 232 -14.59 -0.41 8.20
N TRP A 233 -14.65 0.80 7.63
CA TRP A 233 -14.10 1.12 6.29
C TRP A 233 -12.91 2.07 6.45
N GLU A 234 -11.70 1.53 6.36
CA GLU A 234 -10.43 2.30 6.55
C GLU A 234 -9.91 2.79 5.21
N CYS A 235 -8.99 3.76 5.26
CA CYS A 235 -8.19 4.31 4.13
C CYS A 235 -9.02 4.34 2.86
N PRO A 236 -10.14 5.10 2.86
CA PRO A 236 -10.92 5.28 1.64
C PRO A 236 -10.11 6.08 0.62
N ASP A 237 -10.58 6.01 -0.62
CA ASP A 237 -10.00 6.74 -1.77
C ASP A 237 -11.10 6.83 -2.83
N LEU A 238 -11.05 7.86 -3.64
CA LEU A 238 -12.02 8.09 -4.73
C LEU A 238 -11.30 8.91 -5.81
N PHE A 239 -11.34 8.41 -7.03
CA PHE A 239 -10.66 9.01 -8.20
C PHE A 239 -11.30 8.45 -9.48
N GLU A 240 -11.11 9.17 -10.57
CA GLU A 240 -11.53 8.77 -11.94
C GLU A 240 -10.44 7.89 -12.54
N LEU A 241 -10.85 6.79 -13.18
CA LEU A 241 -9.97 5.87 -13.95
C LEU A 241 -10.79 5.25 -15.07
N GLY A 242 -10.32 5.32 -16.31
CA GLY A 242 -10.97 4.75 -17.50
C GLY A 242 -12.39 5.24 -17.65
N GLY A 243 -12.63 6.52 -17.29
CA GLY A 243 -13.94 7.19 -17.46
C GLY A 243 -14.95 6.78 -16.42
N LYS A 244 -14.50 6.19 -15.30
CA LYS A 244 -15.38 5.72 -14.19
C LYS A 244 -14.84 6.23 -12.86
N THR A 245 -15.72 6.37 -11.87
CA THR A 245 -15.35 6.66 -10.48
C THR A 245 -14.98 5.32 -9.83
N ILE A 246 -13.76 5.25 -9.30
CA ILE A 246 -13.28 4.15 -8.41
C ILE A 246 -13.45 4.60 -6.96
N PHE A 247 -14.22 3.84 -6.18
CA PHE A 247 -14.20 3.89 -4.69
C PHE A 247 -13.30 2.75 -4.22
N LEU A 248 -12.09 3.09 -3.79
CA LEU A 248 -11.05 2.14 -3.31
C LEU A 248 -10.87 2.34 -1.80
N TRP A 249 -10.94 1.27 -1.02
CA TRP A 249 -10.88 1.36 0.46
C TRP A 249 -10.49 0.02 1.09
N SER A 250 -10.34 0.03 2.41
CA SER A 250 -9.85 -1.12 3.21
C SER A 250 -10.92 -1.48 4.23
N PRO A 251 -11.91 -2.33 3.85
CA PRO A 251 -12.91 -2.82 4.78
C PRO A 251 -12.35 -3.89 5.73
N GLN A 252 -12.76 -3.82 6.99
CA GLN A 252 -12.46 -4.84 8.03
C GLN A 252 -13.75 -5.57 8.35
N GLY A 253 -13.72 -6.90 8.40
CA GLY A 253 -14.86 -7.73 8.85
C GLY A 253 -15.47 -8.58 7.74
N LEU A 254 -14.88 -8.59 6.54
CA LEU A 254 -15.31 -9.52 5.47
C LEU A 254 -14.97 -10.95 5.91
N GLU A 255 -15.88 -11.89 5.67
CA GLU A 255 -15.67 -13.34 5.83
C GLU A 255 -14.90 -13.86 4.62
N PRO A 256 -13.89 -14.75 4.81
CA PRO A 256 -13.33 -15.53 3.70
C PRO A 256 -14.47 -16.12 2.88
N LYS A 257 -14.34 -16.06 1.55
CA LYS A 257 -15.34 -16.60 0.60
C LYS A 257 -14.59 -17.31 -0.54
N GLY A 258 -14.58 -18.64 -0.50
CA GLY A 258 -13.75 -19.49 -1.38
C GLY A 258 -12.30 -19.07 -1.29
N ASP A 259 -11.73 -18.61 -2.40
CA ASP A 259 -10.31 -18.21 -2.47
C ASP A 259 -10.11 -16.78 -1.95
N ARG A 260 -11.18 -15.99 -1.77
CA ARG A 260 -11.08 -14.50 -1.62
C ARG A 260 -11.22 -14.12 -0.15
N TYR A 261 -10.66 -12.94 0.19
CA TYR A 261 -10.79 -12.26 1.50
C TYR A 261 -10.14 -13.12 2.60
N LYS A 262 -9.05 -13.83 2.30
CA LYS A 262 -8.35 -14.69 3.29
C LYS A 262 -7.44 -13.84 4.20
N ASN A 263 -6.94 -12.68 3.76
CA ASN A 263 -6.10 -11.82 4.64
C ASN A 263 -6.95 -11.33 5.81
N THR A 264 -6.31 -11.04 6.95
CA THR A 264 -6.96 -10.47 8.17
C THR A 264 -7.95 -9.37 7.75
N TYR A 265 -7.51 -8.40 6.95
CA TYR A 265 -8.38 -7.33 6.38
C TYR A 265 -8.10 -7.17 4.89
N GLN A 266 -9.03 -6.53 4.18
CA GLN A 266 -9.05 -6.50 2.71
C GLN A 266 -8.80 -5.07 2.22
N THR A 267 -8.31 -4.96 0.98
CA THR A 267 -8.31 -3.72 0.18
C THR A 267 -8.92 -4.04 -1.19
N GLY A 268 -9.96 -3.29 -1.56
CA GLY A 268 -10.69 -3.52 -2.80
C GLY A 268 -11.50 -2.31 -3.19
N TYR A 269 -12.30 -2.44 -4.24
CA TYR A 269 -12.93 -1.27 -4.89
C TYR A 269 -14.31 -1.65 -5.42
N TYR A 270 -15.16 -0.62 -5.50
CA TYR A 270 -16.39 -0.58 -6.32
C TYR A 270 -16.10 0.30 -7.54
N ILE A 271 -16.77 0.02 -8.64
CA ILE A 271 -16.78 0.86 -9.86
C ILE A 271 -18.15 1.51 -9.94
N GLY A 272 -18.17 2.79 -10.27
CA GLY A 272 -19.42 3.54 -10.47
C GLY A 272 -19.16 4.94 -10.95
N GLU A 273 -19.91 5.89 -10.41
CA GLU A 273 -20.00 7.28 -10.91
C GLU A 273 -20.36 8.14 -9.70
N LEU A 274 -19.49 9.06 -9.31
CA LEU A 274 -19.78 10.10 -8.30
C LEU A 274 -20.46 11.27 -9.01
N ASP A 275 -21.70 11.55 -8.63
CA ASP A 275 -22.47 12.73 -9.08
C ASP A 275 -22.13 13.88 -8.14
N TYR A 276 -21.52 14.95 -8.65
CA TYR A 276 -21.06 16.11 -7.85
C TYR A 276 -22.22 17.09 -7.60
N GLU A 277 -23.43 16.79 -8.07
CA GLU A 277 -24.67 17.56 -7.80
C GLU A 277 -25.43 16.90 -6.63
N THR A 278 -25.66 15.58 -6.70
CA THR A 278 -26.42 14.80 -5.69
C THR A 278 -25.46 14.23 -4.63
N PHE A 279 -24.16 14.20 -4.89
CA PHE A 279 -23.12 13.60 -4.01
C PHE A 279 -23.49 12.13 -3.72
N GLU A 280 -24.06 11.46 -4.72
CA GLU A 280 -24.40 10.02 -4.71
C GLU A 280 -23.32 9.27 -5.51
N PHE A 281 -22.82 8.16 -4.98
CA PHE A 281 -21.91 7.24 -5.71
C PHE A 281 -22.75 6.08 -6.27
N LYS A 282 -23.07 6.15 -7.56
CA LYS A 282 -23.95 5.15 -8.25
C LYS A 282 -23.11 3.94 -8.66
N THR A 283 -23.37 2.78 -8.05
CA THR A 283 -22.56 1.55 -8.23
C THR A 283 -23.45 0.31 -8.07
N ASP A 284 -22.98 -0.83 -8.59
CA ASP A 284 -23.65 -2.14 -8.44
C ASP A 284 -23.16 -2.82 -7.15
N LYS A 285 -22.20 -2.19 -6.46
CA LYS A 285 -21.54 -2.74 -5.24
C LYS A 285 -20.96 -4.12 -5.54
N TYR A 286 -20.44 -4.32 -6.76
CA TYR A 286 -19.59 -5.49 -7.10
C TYR A 286 -18.20 -5.23 -6.51
N PHE A 287 -17.84 -5.93 -5.43
CA PHE A 287 -16.54 -5.75 -4.75
C PHE A 287 -15.48 -6.61 -5.44
N GLN A 288 -14.29 -6.05 -5.63
CA GLN A 288 -13.10 -6.82 -6.09
C GLN A 288 -11.93 -6.49 -5.18
N GLU A 289 -11.15 -7.51 -4.83
CA GLU A 289 -9.85 -7.31 -4.17
C GLU A 289 -8.90 -6.74 -5.22
N LEU A 290 -8.14 -5.71 -4.84
CA LEU A 290 -7.10 -5.07 -5.69
C LEU A 290 -5.93 -6.03 -5.91
N ASP A 291 -5.38 -6.55 -4.81
CA ASP A 291 -4.14 -7.36 -4.74
C ASP A 291 -4.48 -8.67 -4.03
N TYR A 292 -4.08 -9.80 -4.62
CA TYR A 292 -4.47 -11.17 -4.22
C TYR A 292 -3.41 -11.76 -3.26
N GLY A 293 -2.37 -11.00 -2.93
CA GLY A 293 -1.24 -11.49 -2.12
C GLY A 293 -1.56 -11.56 -0.63
N HIS A 294 -0.56 -11.99 0.15
CA HIS A 294 -0.65 -12.23 1.63
C HIS A 294 -0.57 -10.91 2.41
N ASP A 295 0.10 -9.89 1.86
CA ASP A 295 0.59 -8.74 2.67
C ASP A 295 0.32 -7.43 1.94
N PHE A 296 -0.95 -7.12 1.67
CA PHE A 296 -1.39 -5.88 1.00
C PHE A 296 -2.60 -5.32 1.74
N TYR A 297 -2.47 -4.09 2.26
CA TYR A 297 -3.52 -3.37 3.02
C TYR A 297 -3.21 -1.87 3.03
N ALA A 298 -4.24 -1.04 2.86
CA ALA A 298 -4.19 0.42 3.06
C ALA A 298 -3.35 1.05 1.95
N THR A 299 -3.99 1.78 1.05
CA THR A 299 -3.39 2.32 -0.20
C THR A 299 -3.42 3.84 -0.16
N GLN A 300 -2.55 4.43 -0.98
CA GLN A 300 -2.60 5.85 -1.40
C GLN A 300 -2.54 5.88 -2.93
N THR A 301 -3.20 6.85 -3.54
CA THR A 301 -3.10 7.12 -5.00
C THR A 301 -2.80 8.60 -5.22
N ILE A 302 -2.16 8.90 -6.34
CA ILE A 302 -1.98 10.28 -6.86
C ILE A 302 -2.12 10.19 -8.38
N GLN A 303 -2.56 11.28 -9.01
CA GLN A 303 -2.73 11.39 -10.48
C GLN A 303 -1.81 12.51 -11.00
N GLY A 304 -0.98 12.17 -11.99
CA GLY A 304 -0.16 13.12 -12.76
C GLY A 304 0.38 12.46 -14.01
N ASP A 305 0.84 13.24 -14.99
CA ASP A 305 1.38 12.74 -16.28
C ASP A 305 0.26 11.98 -17.02
N GLY A 306 -1.00 12.28 -16.69
CA GLY A 306 -2.19 11.55 -17.17
C GLY A 306 -2.20 10.08 -16.72
N LYS A 307 -1.53 9.76 -15.62
CA LYS A 307 -1.44 8.38 -15.06
C LYS A 307 -2.04 8.36 -13.65
N THR A 308 -2.35 7.18 -13.13
CA THR A 308 -2.81 6.98 -11.73
C THR A 308 -1.82 6.05 -11.04
N TYR A 309 -1.05 6.60 -10.10
CA TYR A 309 -0.04 5.84 -9.32
C TYR A 309 -0.70 5.37 -8.03
N LEU A 310 -0.34 4.17 -7.56
CA LEU A 310 -0.86 3.58 -6.31
C LEU A 310 0.31 2.95 -5.53
N ILE A 311 0.25 3.02 -4.21
CA ILE A 311 1.22 2.36 -3.30
C ILE A 311 0.43 1.85 -2.11
N GLY A 312 0.88 0.73 -1.53
CA GLY A 312 0.23 0.12 -0.36
C GLY A 312 1.23 -0.21 0.70
N TRP A 313 0.75 -0.50 1.90
CA TRP A 313 1.55 -1.05 3.03
C TRP A 313 1.78 -2.54 2.77
N PHE A 314 3.04 -2.98 2.83
CA PHE A 314 3.49 -4.35 2.47
C PHE A 314 3.67 -5.13 3.77
N ASN A 315 2.54 -5.37 4.42
CA ASN A 315 2.43 -6.20 5.66
C ASN A 315 0.94 -6.47 5.86
N MET A 316 0.59 -7.14 6.97
CA MET A 316 -0.81 -7.50 7.28
C MET A 316 -0.99 -7.50 8.81
N TRP A 317 -2.17 -7.10 9.28
CA TRP A 317 -2.50 -7.05 10.72
C TRP A 317 -2.65 -8.48 11.26
N GLU A 318 -2.15 -8.68 12.47
CA GLU A 318 -2.43 -9.83 13.38
C GLU A 318 -1.88 -11.12 12.76
N VAL A 319 -0.76 -11.01 12.04
CA VAL A 319 0.00 -12.16 11.50
C VAL A 319 1.48 -11.92 11.77
N PRO A 320 2.30 -12.99 11.90
CA PRO A 320 3.71 -12.82 12.22
C PRO A 320 4.39 -11.93 11.18
N HIS A 321 5.23 -11.01 11.67
CA HIS A 321 6.19 -10.20 10.88
C HIS A 321 7.59 -10.71 11.19
N LEU A 322 8.17 -11.52 10.30
CA LEU A 322 9.44 -12.25 10.55
C LEU A 322 10.61 -11.25 10.73
N GLU A 323 10.46 -10.01 10.26
CA GLU A 323 11.48 -8.92 10.39
C GLU A 323 11.39 -8.23 11.75
N GLU A 324 10.32 -8.45 12.53
CA GLU A 324 10.02 -7.75 13.80
C GLU A 324 11.25 -7.76 14.72
N GLU A 325 11.85 -8.93 14.92
CA GLU A 325 12.99 -9.16 15.86
C GLU A 325 14.26 -8.45 15.36
N ASP A 326 14.25 -7.87 14.15
CA ASP A 326 15.42 -7.17 13.55
C ASP A 326 15.31 -5.65 13.80
N GLY A 327 14.35 -5.22 14.62
CA GLY A 327 14.21 -3.83 15.08
C GLY A 327 13.46 -2.95 14.10
N TRP A 328 12.72 -3.54 13.15
CA TRP A 328 11.86 -2.79 12.22
C TRP A 328 10.71 -3.70 11.76
N ALA A 329 9.66 -3.11 11.19
CA ALA A 329 8.52 -3.84 10.58
C ALA A 329 7.89 -3.00 9.47
N GLY A 330 7.63 -3.59 8.31
CA GLY A 330 6.86 -2.98 7.23
C GLY A 330 7.73 -2.33 6.18
N THR A 331 7.28 -2.40 4.93
CA THR A 331 7.77 -1.64 3.76
C THR A 331 6.51 -1.18 3.04
N THR A 332 6.67 -0.31 2.04
CA THR A 332 5.63 -0.06 1.03
C THR A 332 5.82 -1.09 -0.07
N THR A 333 4.82 -1.20 -0.95
CA THR A 333 4.91 -1.90 -2.24
C THR A 333 5.71 -1.03 -3.21
N LEU A 334 6.12 -1.59 -4.34
CA LEU A 334 6.44 -0.79 -5.54
C LEU A 334 5.25 0.14 -5.78
N VAL A 335 5.52 1.32 -6.31
CA VAL A 335 4.47 2.19 -6.91
C VAL A 335 3.95 1.46 -8.15
N ARG A 336 2.62 1.39 -8.31
CA ARG A 336 1.99 0.77 -9.50
C ARG A 336 1.25 1.84 -10.30
N GLU A 337 1.28 1.74 -11.62
CA GLU A 337 0.38 2.50 -12.54
C GLU A 337 -0.93 1.71 -12.66
N LEU A 338 -2.08 2.40 -12.55
CA LEU A 338 -3.43 1.78 -12.67
C LEU A 338 -3.99 2.04 -14.07
N GLN A 339 -4.68 1.05 -14.63
CA GLN A 339 -5.63 1.22 -15.76
C GLN A 339 -6.90 0.45 -15.43
N LEU A 340 -8.03 0.87 -15.99
CA LEU A 340 -9.29 0.10 -15.92
C LEU A 340 -9.48 -0.58 -17.27
N ILE A 341 -9.27 -1.90 -17.31
CA ILE A 341 -9.51 -2.73 -18.52
C ILE A 341 -10.78 -3.55 -18.28
N GLY A 342 -11.84 -3.24 -19.03
CA GLY A 342 -13.19 -3.77 -18.76
C GLY A 342 -13.60 -3.41 -17.34
N THR A 343 -13.75 -4.42 -16.48
CA THR A 343 -14.22 -4.27 -15.06
C THR A 343 -13.05 -4.44 -14.08
N ARG A 344 -11.80 -4.47 -14.57
CA ARG A 344 -10.63 -4.85 -13.73
C ARG A 344 -9.60 -3.72 -13.67
N ILE A 345 -9.22 -3.31 -12.47
CA ILE A 345 -8.06 -2.38 -12.30
C ILE A 345 -6.80 -3.24 -12.42
N THR A 346 -6.02 -3.00 -13.47
CA THR A 346 -4.68 -3.58 -13.68
C THR A 346 -3.67 -2.72 -12.92
N MET A 347 -2.66 -3.37 -12.34
CA MET A 347 -1.47 -2.75 -11.69
C MET A 347 -0.23 -3.23 -12.43
N ASN A 348 0.67 -2.30 -12.75
CA ASN A 348 1.96 -2.59 -13.41
C ASN A 348 3.04 -1.78 -12.69
N PRO A 349 4.30 -2.26 -12.66
CA PRO A 349 5.39 -1.46 -12.12
C PRO A 349 5.54 -0.21 -13.00
N LEU A 350 6.20 0.83 -12.48
CA LEU A 350 6.42 2.10 -13.22
C LEU A 350 7.10 1.79 -14.56
N GLU A 351 6.72 2.53 -15.61
CA GLU A 351 7.29 2.39 -16.98
C GLU A 351 8.82 2.32 -16.92
N GLY A 352 9.46 3.16 -16.08
CA GLY A 352 10.93 3.28 -15.97
C GLY A 352 11.52 2.52 -14.79
N ILE A 353 10.87 1.46 -14.30
CA ILE A 353 11.42 0.60 -13.21
C ILE A 353 12.67 -0.12 -13.70
N GLN A 354 12.85 -0.24 -15.02
CA GLN A 354 13.97 -0.97 -15.68
C GLN A 354 15.31 -0.28 -15.35
N ASP A 355 15.26 0.97 -14.87
CA ASP A 355 16.44 1.73 -14.38
C ASP A 355 17.06 1.03 -13.16
N LEU A 356 16.30 0.19 -12.45
CA LEU A 356 16.83 -0.58 -11.29
C LEU A 356 17.80 -1.67 -11.76
N ARG A 357 17.70 -2.11 -13.03
CA ARG A 357 18.42 -3.30 -13.56
C ARG A 357 19.94 -3.03 -13.51
N THR A 358 20.68 -3.97 -12.91
CA THR A 358 22.16 -4.05 -12.95
C THR A 358 22.55 -5.22 -13.85
N ASP A 359 22.90 -6.37 -13.27
CA ASP A 359 23.42 -7.55 -14.01
C ASP A 359 22.26 -8.23 -14.74
N SER A 360 22.45 -8.56 -16.02
CA SER A 360 21.61 -9.53 -16.77
C SER A 360 21.99 -10.93 -16.32
N VAL A 361 21.08 -11.64 -15.64
CA VAL A 361 21.37 -12.92 -14.93
C VAL A 361 21.00 -14.11 -15.84
N HIS A 362 19.99 -13.97 -16.69
CA HIS A 362 19.50 -15.07 -17.57
C HIS A 362 18.74 -14.47 -18.77
N ASN A 363 18.74 -15.21 -19.89
CA ASN A 363 17.97 -14.88 -21.13
C ASN A 363 17.66 -16.19 -21.87
N GLY A 364 16.39 -16.40 -22.23
CA GLY A 364 15.95 -17.55 -23.02
C GLY A 364 15.66 -18.77 -22.17
N ASP A 365 15.89 -19.95 -22.72
CA ASP A 365 15.43 -21.25 -22.17
C ASP A 365 15.91 -21.39 -20.73
N LEU A 366 14.98 -21.70 -19.83
CA LEU A 366 15.26 -22.25 -18.47
C LEU A 366 14.59 -23.63 -18.41
N GLU A 367 15.38 -24.69 -18.55
CA GLU A 367 14.90 -26.09 -18.61
C GLU A 367 14.29 -26.50 -17.27
N PRO A 368 13.43 -27.55 -17.25
CA PRO A 368 12.96 -28.13 -16.00
C PRO A 368 14.13 -28.34 -15.04
N GLN A 369 13.95 -27.92 -13.77
CA GLN A 369 14.88 -28.16 -12.63
C GLN A 369 16.11 -27.24 -12.72
N GLN A 370 16.23 -26.42 -13.77
CA GLN A 370 17.34 -25.43 -13.89
C GLN A 370 17.01 -24.24 -12.99
N ALA A 371 18.02 -23.68 -12.33
CA ALA A 371 17.89 -22.61 -11.32
C ALA A 371 18.67 -21.37 -11.78
N ILE A 372 18.19 -20.19 -11.36
CA ILE A 372 18.86 -18.87 -11.54
C ILE A 372 19.19 -18.33 -10.14
N GLU A 373 20.39 -17.76 -9.98
CA GLU A 373 20.88 -17.21 -8.70
C GLU A 373 20.96 -15.68 -8.79
N PHE A 374 20.48 -15.02 -7.74
CA PHE A 374 20.48 -13.53 -7.60
C PHE A 374 21.22 -13.17 -6.31
N GLY A 375 21.36 -11.88 -6.05
CA GLY A 375 21.57 -11.36 -4.69
C GLY A 375 20.24 -11.30 -3.95
N PRO A 376 20.02 -10.28 -3.08
CA PRO A 376 18.74 -10.10 -2.40
C PRO A 376 17.61 -9.58 -3.30
N THR A 377 17.92 -9.17 -4.54
CA THR A 377 16.96 -8.57 -5.48
C THR A 377 16.90 -9.37 -6.77
N ALA A 378 15.73 -9.43 -7.40
CA ALA A 378 15.50 -10.11 -8.68
C ALA A 378 14.34 -9.43 -9.41
N GLU A 379 14.50 -9.26 -10.73
CA GLU A 379 13.39 -9.07 -11.68
C GLU A 379 13.42 -10.27 -12.64
N ILE A 380 12.28 -10.94 -12.80
CA ILE A 380 12.13 -12.11 -13.71
C ILE A 380 10.93 -11.86 -14.62
N ILE A 381 11.14 -11.82 -15.93
CA ILE A 381 10.05 -11.88 -16.94
C ILE A 381 10.05 -13.31 -17.49
N LEU A 382 8.98 -14.06 -17.26
CA LEU A 382 8.92 -15.48 -17.71
C LEU A 382 7.68 -15.69 -18.58
N GLN A 383 7.83 -16.57 -19.57
CA GLN A 383 6.69 -17.13 -20.33
C GLN A 383 6.89 -18.63 -20.46
N GLY A 384 5.79 -19.35 -20.28
CA GLY A 384 5.65 -20.76 -20.66
C GLY A 384 4.39 -20.93 -21.50
N CYS A 385 4.10 -22.15 -21.91
CA CYS A 385 2.80 -22.55 -22.49
C CYS A 385 1.77 -22.72 -21.36
N LEU A 386 0.65 -22.02 -21.44
CA LEU A 386 -0.42 -22.08 -20.41
C LEU A 386 -1.22 -23.38 -20.53
N ASP A 387 -0.90 -24.27 -21.47
CA ASP A 387 -1.52 -25.62 -21.57
C ASP A 387 -0.87 -26.54 -20.55
N GLN A 388 0.29 -26.14 -20.01
CA GLN A 388 1.06 -26.97 -19.04
C GLN A 388 1.32 -26.17 -17.77
N LYS A 389 1.58 -26.89 -16.69
CA LYS A 389 1.94 -26.33 -15.37
C LYS A 389 3.15 -25.42 -15.55
N ILE A 390 3.10 -24.24 -14.92
CA ILE A 390 4.28 -23.37 -14.65
C ILE A 390 4.47 -23.38 -13.13
N GLU A 391 5.70 -23.53 -12.66
CA GLU A 391 5.97 -23.43 -11.21
C GLU A 391 7.40 -22.97 -10.98
N LEU A 392 7.56 -21.89 -10.22
CA LEU A 392 8.86 -21.45 -9.68
C LEU A 392 8.95 -21.86 -8.21
N LEU A 393 10.11 -22.37 -7.80
CA LEU A 393 10.46 -22.59 -6.39
C LEU A 393 11.45 -21.48 -5.99
N ILE A 394 11.06 -20.62 -5.04
CA ILE A 394 11.84 -19.44 -4.57
C ILE A 394 12.34 -19.72 -3.14
N GLN A 395 13.65 -19.66 -2.94
CA GLN A 395 14.29 -20.07 -1.66
C GLN A 395 15.66 -19.40 -1.54
N GLY A 396 16.13 -19.22 -0.30
CA GLY A 396 17.46 -18.67 -0.01
C GLY A 396 18.54 -19.62 -0.48
N LYS A 397 19.68 -19.10 -0.91
CA LYS A 397 20.87 -19.89 -1.35
C LYS A 397 21.26 -20.87 -0.24
N GLU A 398 21.11 -20.48 1.03
CA GLU A 398 21.49 -21.32 2.19
C GLU A 398 20.27 -22.12 2.66
N GLY A 399 19.20 -22.20 1.85
CA GLY A 399 17.98 -22.95 2.18
C GLY A 399 17.01 -22.09 2.98
N GLY A 400 16.17 -22.72 3.80
CA GLY A 400 15.16 -22.04 4.64
C GLY A 400 13.77 -22.11 4.01
N LEU A 401 12.92 -21.14 4.35
CA LEU A 401 11.48 -21.15 3.99
C LEU A 401 11.34 -20.98 2.47
N VAL A 402 10.32 -21.62 1.89
CA VAL A 402 10.09 -21.70 0.43
C VAL A 402 8.79 -20.98 0.10
N THR A 403 8.79 -20.27 -1.04
CA THR A 403 7.58 -19.73 -1.69
C THR A 403 7.53 -20.32 -3.10
N THR A 404 6.35 -20.79 -3.51
CA THR A 404 6.12 -21.31 -4.88
CA THR A 404 6.09 -21.34 -4.85
C THR A 404 5.07 -20.44 -5.57
N VAL A 405 5.32 -20.18 -6.85
CA VAL A 405 4.40 -19.46 -7.76
C VAL A 405 4.04 -20.45 -8.88
N THR A 406 2.76 -20.77 -9.04
CA THR A 406 2.29 -21.89 -9.88
C THR A 406 1.15 -21.41 -10.79
N TRP A 407 1.25 -21.78 -12.07
CA TRP A 407 0.08 -21.84 -12.98
C TRP A 407 -0.35 -23.31 -13.06
N ASP A 408 -1.57 -23.61 -12.62
CA ASP A 408 -2.20 -24.94 -12.71
C ASP A 408 -3.31 -24.90 -13.75
N PRO A 409 -3.07 -25.43 -14.97
CA PRO A 409 -4.07 -25.36 -16.04
C PRO A 409 -5.31 -26.23 -15.81
N GLU A 410 -5.24 -27.21 -14.90
CA GLU A 410 -6.39 -28.08 -14.51
C GLU A 410 -7.52 -27.22 -13.95
N VAL A 411 -7.16 -26.23 -13.13
CA VAL A 411 -8.13 -25.35 -12.40
C VAL A 411 -8.08 -23.92 -12.95
N GLY A 412 -7.14 -23.61 -13.86
CA GLY A 412 -6.99 -22.27 -14.44
C GLY A 412 -6.66 -21.21 -13.42
N LYS A 413 -5.85 -21.54 -12.41
CA LYS A 413 -5.51 -20.64 -11.28
C LYS A 413 -4.00 -20.38 -11.20
N VAL A 414 -3.67 -19.14 -10.85
CA VAL A 414 -2.33 -18.75 -10.34
C VAL A 414 -2.36 -18.99 -8.83
N ILE A 415 -1.34 -19.64 -8.29
CA ILE A 415 -1.27 -20.05 -6.86
C ILE A 415 0.06 -19.54 -6.31
N VAL A 416 0.02 -18.66 -5.31
CA VAL A 416 1.23 -18.25 -4.53
C VAL A 416 1.17 -18.98 -3.20
N ASN A 417 2.00 -20.00 -3.03
CA ASN A 417 2.13 -20.78 -1.78
C ASN A 417 3.33 -20.19 -1.01
N ARG A 418 3.05 -19.33 -0.03
CA ARG A 418 4.05 -18.65 0.80
C ARG A 418 4.20 -19.46 2.10
N SER A 419 5.18 -20.35 2.14
CA SER A 419 5.55 -21.12 3.35
C SER A 419 4.32 -21.89 3.84
N GLY A 420 3.53 -22.45 2.91
CA GLY A 420 2.37 -23.31 3.19
C GLY A 420 1.05 -22.56 3.09
N GLU A 421 1.06 -21.22 3.13
CA GLU A 421 -0.19 -20.41 3.12
C GLU A 421 -0.53 -20.04 1.67
N VAL A 422 -1.69 -20.49 1.20
CA VAL A 422 -2.12 -20.38 -0.22
C VAL A 422 -2.89 -19.07 -0.42
N ARG A 423 -2.51 -18.30 -1.43
CA ARG A 423 -3.38 -17.31 -2.11
C ARG A 423 -3.47 -17.73 -3.58
N GLN A 424 -4.69 -17.84 -4.11
CA GLN A 424 -4.90 -18.24 -5.51
C GLN A 424 -6.11 -17.51 -6.07
N VAL A 425 -6.14 -17.38 -7.39
CA VAL A 425 -7.27 -16.81 -8.16
C VAL A 425 -7.27 -17.44 -9.55
N GLU A 426 -8.48 -17.62 -10.10
CA GLU A 426 -8.68 -17.87 -11.55
C GLU A 426 -8.01 -16.74 -12.32
N TRP A 427 -7.30 -17.10 -13.40
CA TRP A 427 -6.64 -16.11 -14.27
C TRP A 427 -7.12 -16.31 -15.70
N VAL A 428 -7.85 -15.33 -16.22
CA VAL A 428 -8.24 -15.21 -17.64
C VAL A 428 -7.35 -14.12 -18.22
N PRO A 429 -6.31 -14.48 -19.01
CA PRO A 429 -5.37 -13.49 -19.53
C PRO A 429 -6.09 -12.48 -20.44
N ILE A 430 -5.88 -11.18 -20.21
CA ILE A 430 -6.35 -10.06 -21.08
C ILE A 430 -5.67 -10.20 -22.45
N GLY A 431 -4.34 -10.36 -22.43
CA GLY A 431 -3.49 -10.40 -23.64
C GLY A 431 -2.20 -11.15 -23.39
N LYS A 432 -1.15 -10.46 -22.94
CA LYS A 432 0.14 -11.08 -22.56
C LYS A 432 -0.09 -12.24 -21.59
N THR A 433 0.60 -13.36 -21.79
CA THR A 433 0.55 -14.56 -20.91
C THR A 433 1.84 -14.64 -20.08
N SER A 434 2.73 -13.67 -20.22
CA SER A 434 4.01 -13.59 -19.48
C SER A 434 3.74 -13.13 -18.04
N TRP A 435 4.62 -13.49 -17.10
CA TRP A 435 4.64 -12.97 -15.71
C TRP A 435 5.88 -12.11 -15.50
N ARG A 436 5.74 -11.01 -14.76
CA ARG A 436 6.85 -10.18 -14.26
C ARG A 436 6.89 -10.25 -12.73
N LEU A 437 7.99 -10.74 -12.19
CA LEU A 437 8.16 -11.09 -10.75
C LEU A 437 9.30 -10.23 -10.18
N PHE A 438 9.03 -9.48 -9.12
CA PHE A 438 10.01 -8.62 -8.38
C PHE A 438 10.27 -9.21 -6.99
N LEU A 439 11.52 -9.59 -6.72
CA LEU A 439 11.97 -10.03 -5.39
C LEU A 439 12.83 -8.91 -4.78
N ASP A 440 12.60 -8.63 -3.51
CA ASP A 440 13.47 -7.75 -2.68
C ASP A 440 13.88 -8.61 -1.48
N ALA A 441 14.68 -8.07 -0.57
CA ALA A 441 15.33 -8.86 0.50
C ALA A 441 14.29 -9.69 1.27
N SER A 442 13.07 -9.16 1.44
CA SER A 442 11.97 -9.88 2.16
C SER A 442 10.61 -9.61 1.49
N SER A 443 10.53 -9.57 0.15
CA SER A 443 9.23 -9.34 -0.53
C SER A 443 9.16 -9.95 -1.95
N LEU A 444 7.95 -10.27 -2.36
CA LEU A 444 7.62 -10.78 -3.71
C LEU A 444 6.42 -10.02 -4.24
N GLU A 445 6.53 -9.52 -5.47
CA GLU A 445 5.40 -8.94 -6.24
C GLU A 445 5.38 -9.62 -7.60
N LEU A 446 4.30 -10.37 -7.84
CA LEU A 446 4.03 -11.08 -9.11
C LEU A 446 2.99 -10.28 -9.88
N PHE A 447 3.33 -9.83 -11.08
CA PHE A 447 2.43 -9.16 -12.05
C PHE A 447 2.16 -10.16 -13.19
N CYS A 448 0.95 -10.72 -13.24
CA CYS A 448 0.54 -11.67 -14.31
C CYS A 448 -0.05 -10.86 -15.47
N GLY A 449 0.37 -11.20 -16.68
CA GLY A 449 -0.22 -10.66 -17.92
C GLY A 449 -0.03 -9.16 -17.99
N GLU A 450 -1.12 -8.42 -18.21
CA GLU A 450 -1.10 -6.95 -18.32
C GLU A 450 -1.45 -6.33 -16.97
N GLY A 451 -1.36 -7.12 -15.90
CA GLY A 451 -1.49 -6.65 -14.50
C GLY A 451 -2.89 -6.84 -13.95
N GLU A 452 -3.68 -7.76 -14.54
CA GLU A 452 -5.08 -8.04 -14.15
C GLU A 452 -5.08 -8.86 -12.86
N VAL A 453 -4.00 -9.61 -12.63
CA VAL A 453 -3.81 -10.49 -11.46
C VAL A 453 -2.43 -10.19 -10.88
N VAL A 454 -2.42 -9.61 -9.68
CA VAL A 454 -1.16 -9.21 -8.99
C VAL A 454 -1.21 -9.82 -7.59
N PHE A 455 -0.09 -10.40 -7.14
CA PHE A 455 0.13 -10.87 -5.75
C PHE A 455 1.32 -10.15 -5.15
N SER A 456 1.11 -9.52 -3.98
CA SER A 456 2.16 -8.89 -3.13
C SER A 456 2.21 -9.65 -1.81
N SER A 457 3.31 -10.36 -1.57
CA SER A 457 3.51 -11.17 -0.36
C SER A 457 4.93 -10.95 0.19
N ARG A 458 5.05 -10.78 1.50
CA ARG A 458 6.36 -10.72 2.20
C ARG A 458 6.90 -12.15 2.20
N ILE A 459 8.16 -12.32 1.83
CA ILE A 459 8.84 -13.65 1.78
C ILE A 459 10.18 -13.53 2.51
N PHE A 460 10.56 -14.59 3.21
CA PHE A 460 11.76 -14.68 4.07
C PHE A 460 12.39 -16.03 3.82
N SER A 461 13.70 -16.06 3.62
CA SER A 461 14.49 -17.30 3.47
C SER A 461 15.93 -17.00 3.92
N ASP A 462 16.84 -17.97 3.79
CA ASP A 462 18.24 -17.86 4.29
C ASP A 462 19.14 -17.53 3.10
N GLY A 463 19.37 -16.23 2.89
CA GLY A 463 20.42 -15.70 1.99
C GLY A 463 19.87 -15.23 0.65
N ASP A 464 20.75 -15.15 -0.33
CA ASP A 464 20.48 -14.64 -1.70
C ASP A 464 19.44 -15.54 -2.37
N TRP A 465 18.56 -14.94 -3.16
CA TRP A 465 17.45 -15.67 -3.84
C TRP A 465 17.99 -16.64 -4.90
N VAL A 466 17.54 -17.89 -4.84
CA VAL A 466 17.65 -18.89 -5.93
C VAL A 466 16.22 -19.15 -6.39
N VAL A 467 15.98 -19.06 -7.70
CA VAL A 467 14.67 -19.34 -8.35
C VAL A 467 14.84 -20.54 -9.27
N LYS A 468 14.15 -21.64 -8.98
CA LYS A 468 14.25 -22.89 -9.77
C LYS A 468 12.97 -23.08 -10.59
N ASN A 469 13.12 -23.54 -11.83
CA ASN A 469 12.01 -23.97 -12.70
C ASN A 469 11.56 -25.38 -12.28
N SER A 470 10.44 -25.48 -11.58
CA SER A 470 9.82 -26.77 -11.17
C SER A 470 8.77 -27.21 -12.20
N SER A 471 8.55 -26.41 -13.25
CA SER A 471 7.58 -26.68 -14.34
C SER A 471 7.99 -27.95 -15.10
N PRO A 472 7.03 -28.76 -15.61
CA PRO A 472 7.36 -29.87 -16.51
C PRO A 472 7.61 -29.41 -17.95
N GLN A 473 7.89 -28.12 -18.15
CA GLN A 473 8.17 -27.49 -19.47
C GLN A 473 9.35 -26.53 -19.28
N THR A 474 10.04 -26.23 -20.38
CA THR A 474 11.09 -25.17 -20.47
C THR A 474 10.38 -23.82 -20.50
N LEU A 475 10.89 -22.86 -19.71
CA LEU A 475 10.35 -21.48 -19.66
C LEU A 475 11.31 -20.56 -20.42
N SER A 476 10.77 -19.51 -21.01
CA SER A 476 11.55 -18.35 -21.49
CA SER A 476 11.54 -18.34 -21.50
C SER A 476 11.65 -17.35 -20.34
N VAL A 477 12.88 -17.06 -19.90
CA VAL A 477 13.15 -16.26 -18.68
C VAL A 477 14.18 -15.18 -19.01
N GLU A 478 13.77 -13.93 -18.83
CA GLU A 478 14.64 -12.73 -18.85
C GLU A 478 14.77 -12.29 -17.39
N ALA A 479 15.98 -12.32 -16.82
CA ALA A 479 16.20 -12.09 -15.37
C ALA A 479 17.36 -11.11 -15.14
N TYR A 480 17.18 -10.18 -14.19
CA TYR A 480 18.18 -9.15 -13.78
C TYR A 480 18.29 -9.10 -12.24
N ARG A 481 19.49 -8.76 -11.75
CA ARG A 481 19.68 -8.20 -10.39
C ARG A 481 19.18 -6.75 -10.41
N LEU A 482 18.79 -6.20 -9.25
CA LEU A 482 18.27 -4.81 -9.13
C LEU A 482 19.09 -4.04 -8.08
N ARG A 483 19.42 -2.79 -8.36
CA ARG A 483 20.21 -1.90 -7.45
C ARG A 483 19.33 -1.44 -6.30
N ARG A 484 19.92 -0.80 -5.30
CA ARG A 484 19.22 -0.10 -4.21
C ARG A 484 18.66 1.20 -4.75
N SER A 485 17.49 1.63 -4.27
CA SER A 485 16.89 2.95 -4.58
C SER A 485 16.40 3.62 -3.30
N VAL A 486 16.63 3.00 -2.13
CA VAL A 486 16.15 3.51 -0.81
C VAL A 486 17.28 3.27 0.20
N PRO A 487 17.29 3.98 1.34
CA PRO A 487 18.34 3.82 2.34
C PRO A 487 18.30 2.43 3.01
N ALA A 488 19.44 1.98 3.54
CA ALA A 488 19.64 0.72 4.29
C ALA A 488 18.52 0.53 5.33
C1 GLC B . -5.36 0.84 12.15
C2 GLC B . -5.78 -0.64 12.01
C3 GLC B . -7.01 -0.91 12.88
C4 GLC B . -6.60 -0.78 14.34
C5 GLC B . -5.77 0.49 14.62
C6 GLC B . -4.36 0.21 15.14
O2 GLC B . -6.04 -1.02 10.64
O3 GLC B . -7.56 -2.21 12.61
O4 GLC B . -7.81 -0.77 15.12
O5 GLC B . -5.67 1.36 13.47
O6 GLC B . -4.35 -0.79 16.16
C1 FRU B . -5.19 1.40 8.85
C2 FRU B . -5.30 2.27 10.11
C3 FRU B . -5.99 3.60 9.81
C4 FRU B . -5.43 4.49 10.91
C5 FRU B . -4.01 3.96 11.08
C6 FRU B . -3.54 3.98 12.54
O1 FRU B . -4.37 0.26 9.15
O2 FRU B . -6.05 1.64 11.16
O3 FRU B . -7.42 3.48 9.85
O4 FRU B . -5.43 5.87 10.56
O5 FRU B . -3.99 2.63 10.56
O6 FRU B . -2.08 3.85 12.59
#